data_7SKP
#
_entry.id   7SKP
#
_cell.length_a   73.91
_cell.length_b   73.91
_cell.length_c   97.48
_cell.angle_alpha   90
_cell.angle_beta   90
_cell.angle_gamma   90
#
_symmetry.space_group_name_H-M   'P 43 21 2'
#
loop_
_entity.id
_entity.type
_entity.pdbx_description
1 polymer 'De novo synthetic protein DIG14'
2 water water
#
_entity_poly.entity_id   1
_entity_poly.type   'polypeptide(L)'
_entity_poly.pdbx_seq_one_letter_code
;MGRVEVRVEFEGDKMRVRLRNDSSTPVEVHIKVGDEKRTVTVNPGEEVEVTFSANDPHKFNRPQFTIEWGGQRQHFQHHH
HHH
;
_entity_poly.pdbx_strand_id   A,B
#
# COMPACT_ATOMS: atom_id res chain seq x y z
N MET A 1 -11.33 -2.19 15.00
CA MET A 1 -11.72 -2.79 13.71
C MET A 1 -11.49 -1.82 12.55
N GLY A 2 -11.39 -2.36 11.33
CA GLY A 2 -11.22 -1.57 10.12
C GLY A 2 -10.25 -2.07 9.06
N ARG A 3 -10.44 -1.63 7.80
CA ARG A 3 -9.56 -2.03 6.73
C ARG A 3 -9.41 -0.96 5.66
N VAL A 4 -8.19 -0.80 5.13
CA VAL A 4 -7.91 0.21 4.12
C VAL A 4 -7.35 -0.47 2.86
N GLU A 5 -7.87 -0.12 1.69
CA GLU A 5 -7.45 -0.70 0.41
C GLU A 5 -6.70 0.35 -0.38
N VAL A 6 -5.59 -0.06 -1.00
CA VAL A 6 -4.76 0.80 -1.83
C VAL A 6 -4.48 0.07 -3.14
N ARG A 7 -4.94 0.63 -4.25
CA ARG A 7 -4.63 0.09 -5.56
C ARG A 7 -3.71 1.07 -6.29
N VAL A 8 -2.65 0.56 -6.87
CA VAL A 8 -1.71 1.37 -7.61
C VAL A 8 -1.78 0.94 -9.06
N GLU A 9 -2.02 1.87 -9.96
CA GLU A 9 -2.13 1.58 -11.38
C GLU A 9 -1.06 2.39 -12.13
N PHE A 10 -0.31 1.76 -13.02
CA PHE A 10 0.72 2.42 -13.79
C PHE A 10 0.30 2.47 -15.22
N GLU A 11 -0.03 3.66 -15.73
CA GLU A 11 -0.47 3.80 -17.12
C GLU A 11 0.29 4.95 -17.80
N GLY A 12 1.17 4.60 -18.74
CA GLY A 12 2.02 5.56 -19.45
C GLY A 12 2.87 6.37 -18.47
N ASP A 13 2.82 7.71 -18.59
CA ASP A 13 3.56 8.58 -17.66
C ASP A 13 2.84 8.87 -16.35
N LYS A 14 1.78 8.11 -16.02
CA LYS A 14 1.03 8.38 -14.80
C LYS A 14 0.93 7.20 -13.84
N MET A 15 0.75 7.50 -12.55
CA MET A 15 0.55 6.53 -11.51
C MET A 15 -0.68 6.96 -10.71
N ARG A 16 -1.73 6.13 -10.73
CA ARG A 16 -2.96 6.39 -9.99
C ARG A 16 -3.02 5.56 -8.73
N VAL A 17 -3.28 6.23 -7.63
CA VAL A 17 -3.41 5.56 -6.35
C VAL A 17 -4.84 5.70 -5.88
N ARG A 18 -5.54 4.58 -5.84
CA ARG A 18 -6.92 4.54 -5.41
C ARG A 18 -6.95 4.09 -3.95
N LEU A 19 -7.63 4.87 -3.11
CA LEU A 19 -7.68 4.59 -1.69
C LEU A 19 -9.11 4.39 -1.19
N ARG A 20 -9.41 3.26 -0.57
CA ARG A 20 -10.73 3.03 0.02
C ARG A 20 -10.63 2.85 1.55
N ASN A 21 -11.39 3.66 2.31
CA ASN A 21 -11.41 3.51 3.75
C ASN A 21 -12.64 2.72 4.14
N ASP A 22 -12.45 1.47 4.51
CA ASP A 22 -13.54 0.62 4.97
C ASP A 22 -13.54 0.46 6.49
N SER A 23 -13.10 1.50 7.21
CA SER A 23 -13.14 1.49 8.67
C SER A 23 -14.18 2.52 9.19
N SER A 24 -14.39 2.59 10.51
CA SER A 24 -15.36 3.51 11.08
C SER A 24 -14.78 4.89 11.46
N THR A 25 -13.49 5.13 11.18
CA THR A 25 -12.80 6.39 11.50
C THR A 25 -12.03 6.89 10.27
N PRO A 26 -11.83 8.22 10.14
CA PRO A 26 -11.04 8.73 9.02
C PRO A 26 -9.59 8.27 9.08
N VAL A 27 -8.97 8.07 7.93
CA VAL A 27 -7.56 7.70 7.86
C VAL A 27 -6.79 8.75 7.04
N GLU A 28 -5.51 8.90 7.32
CA GLU A 28 -4.67 9.86 6.63
C GLU A 28 -3.65 9.07 5.83
N VAL A 29 -3.50 9.36 4.54
CA VAL A 29 -2.57 8.65 3.69
C VAL A 29 -1.51 9.57 3.13
N HIS A 30 -0.25 9.30 3.45
CA HIS A 30 0.87 10.06 2.93
C HIS A 30 1.50 9.24 1.81
N ILE A 31 1.66 9.84 0.62
CA ILE A 31 2.22 9.17 -0.54
C ILE A 31 3.45 9.91 -1.03
N LYS A 32 4.58 9.23 -1.10
CA LYS A 32 5.80 9.84 -1.60
C LYS A 32 6.25 9.12 -2.86
N VAL A 33 6.47 9.87 -3.94
CA VAL A 33 6.99 9.31 -5.18
C VAL A 33 8.09 10.23 -5.65
N GLY A 34 9.33 9.84 -5.38
CA GLY A 34 10.49 10.66 -5.73
C GLY A 34 10.47 11.94 -4.92
N ASP A 35 10.51 13.08 -5.62
CA ASP A 35 10.48 14.38 -4.96
C ASP A 35 9.04 14.94 -4.79
N GLU A 36 8.02 14.11 -4.92
CA GLU A 36 6.65 14.58 -4.80
C GLU A 36 5.94 13.85 -3.67
N LYS A 37 5.39 14.63 -2.73
CA LYS A 37 4.67 14.13 -1.58
C LYS A 37 3.24 14.61 -1.65
N ARG A 38 2.34 13.80 -1.15
CA ARG A 38 0.94 14.11 -1.18
C ARG A 38 0.23 13.48 -0.01
N THR A 39 -0.61 14.25 0.66
CA THR A 39 -1.34 13.75 1.82
C THR A 39 -2.81 13.96 1.63
N VAL A 40 -3.60 12.92 1.84
CA VAL A 40 -5.04 13.01 1.75
C VAL A 40 -5.69 12.32 2.95
N THR A 41 -6.86 12.81 3.34
CA THR A 41 -7.68 12.20 4.36
C THR A 41 -8.77 11.43 3.63
N VAL A 42 -8.99 10.19 4.01
CA VAL A 42 -10.02 9.35 3.44
C VAL A 42 -11.03 9.06 4.56
N ASN A 43 -12.24 9.52 4.39
CA ASN A 43 -13.31 9.33 5.35
C ASN A 43 -13.92 7.92 5.24
N PRO A 44 -14.55 7.43 6.32
CA PRO A 44 -15.24 6.12 6.24
C PRO A 44 -16.18 5.97 5.04
N GLY A 45 -15.89 4.98 4.19
CA GLY A 45 -16.72 4.69 3.00
C GLY A 45 -16.45 5.56 1.77
N GLU A 46 -15.38 6.34 1.82
CA GLU A 46 -15.02 7.25 0.75
C GLU A 46 -13.87 6.66 -0.09
N GLU A 47 -13.90 6.91 -1.40
CA GLU A 47 -12.85 6.46 -2.29
C GLU A 47 -12.12 7.69 -2.80
N VAL A 48 -10.80 7.75 -2.66
CA VAL A 48 -10.03 8.89 -3.10
C VAL A 48 -8.99 8.42 -4.11
N GLU A 49 -8.99 8.98 -5.33
CA GLU A 49 -7.97 8.64 -6.32
C GLU A 49 -7.01 9.82 -6.55
N VAL A 50 -5.73 9.58 -6.32
CA VAL A 50 -4.68 10.57 -6.45
C VAL A 50 -3.81 10.17 -7.65
N THR A 51 -3.59 11.10 -8.57
CA THR A 51 -2.80 10.83 -9.77
C THR A 51 -1.45 11.59 -9.80
N PHE A 52 -0.36 10.87 -10.07
CA PHE A 52 0.95 11.48 -10.16
C PHE A 52 1.42 11.46 -11.60
N SER A 53 2.02 12.55 -12.05
CA SER A 53 2.59 12.60 -13.39
C SER A 53 4.11 12.64 -13.27
N ALA A 54 4.81 12.27 -14.35
CA ALA A 54 6.27 12.25 -14.32
C ALA A 54 6.82 12.44 -15.69
N ASN A 55 7.94 13.15 -15.78
CA ASN A 55 8.65 13.39 -17.01
C ASN A 55 9.46 12.17 -17.48
N ASP A 56 9.52 11.09 -16.68
CA ASP A 56 10.25 9.86 -16.96
C ASP A 56 9.60 8.74 -16.14
N PRO A 57 9.41 7.53 -16.70
CA PRO A 57 8.71 6.46 -15.95
C PRO A 57 9.48 5.91 -14.75
N HIS A 58 10.82 6.05 -14.74
CA HIS A 58 11.67 5.61 -13.64
C HIS A 58 11.33 6.24 -12.29
N LYS A 59 10.62 7.36 -12.29
CA LYS A 59 10.22 8.08 -11.08
C LYS A 59 9.29 7.24 -10.19
N PHE A 60 8.53 6.32 -10.77
CA PHE A 60 7.60 5.49 -10.02
C PHE A 60 8.21 4.14 -9.61
N ASN A 61 9.54 4.02 -9.53
CA ASN A 61 10.17 2.76 -9.14
C ASN A 61 10.22 2.53 -7.62
N ARG A 62 9.91 3.54 -6.80
CA ARG A 62 9.95 3.37 -5.35
C ARG A 62 8.82 4.07 -4.60
N PRO A 63 7.54 3.84 -4.96
CA PRO A 63 6.44 4.50 -4.24
C PRO A 63 6.34 4.05 -2.79
N GLN A 64 5.95 4.98 -1.94
CA GLN A 64 5.81 4.76 -0.51
C GLN A 64 4.48 5.34 -0.07
N PHE A 65 3.80 4.62 0.83
CA PHE A 65 2.57 5.15 1.39
C PHE A 65 2.46 4.77 2.84
N THR A 66 1.97 5.71 3.62
CA THR A 66 1.79 5.58 5.05
C THR A 66 0.32 5.81 5.38
N ILE A 67 -0.28 4.90 6.14
CA ILE A 67 -1.67 5.00 6.56
C ILE A 67 -1.70 5.27 8.06
N GLU A 68 -2.37 6.34 8.48
CA GLU A 68 -2.48 6.69 9.89
C GLU A 68 -3.94 6.78 10.30
N TRP A 69 -4.24 6.37 11.52
CA TRP A 69 -5.59 6.45 12.06
C TRP A 69 -5.52 6.79 13.54
N GLY A 70 -6.61 7.32 14.08
CA GLY A 70 -6.65 7.70 15.49
C GLY A 70 -5.87 8.97 15.78
N MET B 1 -5.52 4.44 17.67
CA MET B 1 -4.24 5.05 17.27
C MET B 1 -3.40 4.07 16.45
N GLY B 2 -2.43 4.59 15.68
CA GLY B 2 -1.53 3.75 14.90
C GLY B 2 -1.20 4.15 13.47
N ARG B 3 -0.06 3.66 12.94
CA ARG B 3 0.33 3.96 11.57
C ARG B 3 1.08 2.80 10.92
N VAL B 4 0.84 2.55 9.63
CA VAL B 4 1.48 1.48 8.89
C VAL B 4 2.21 2.07 7.67
N GLU B 5 3.47 1.68 7.44
CA GLU B 5 4.30 2.15 6.33
C GLU B 5 4.49 1.05 5.32
N VAL B 6 4.34 1.37 4.04
CA VAL B 6 4.49 0.43 2.94
C VAL B 6 5.44 1.01 1.90
N ARG B 7 6.53 0.32 1.62
CA ARG B 7 7.52 0.76 0.64
C ARG B 7 7.57 -0.24 -0.51
N VAL B 8 7.36 0.21 -1.75
CA VAL B 8 7.35 -0.70 -2.91
C VAL B 8 8.57 -0.46 -3.75
N GLU B 9 9.31 -1.51 -4.01
CA GLU B 9 10.54 -1.43 -4.79
C GLU B 9 10.41 -2.36 -6.01
N PHE B 10 10.73 -1.85 -7.18
CA PHE B 10 10.68 -2.63 -8.41
C PHE B 10 12.08 -2.81 -8.90
N GLU B 11 12.62 -4.04 -8.81
CA GLU B 11 13.99 -4.29 -9.23
C GLU B 11 14.03 -5.54 -10.12
N GLY B 12 14.34 -5.33 -11.42
CA GLY B 12 14.35 -6.40 -12.41
C GLY B 12 13.02 -7.13 -12.45
N ASP B 13 13.06 -8.46 -12.34
CA ASP B 13 11.84 -9.26 -12.34
C ASP B 13 11.15 -9.38 -10.99
N LYS B 14 11.53 -8.54 -10.00
CA LYS B 14 10.92 -8.64 -8.67
C LYS B 14 10.28 -7.37 -8.16
N MET B 15 9.31 -7.53 -7.25
CA MET B 15 8.65 -6.45 -6.58
C MET B 15 8.71 -6.75 -5.11
N ARG B 16 9.54 -6.00 -4.37
CA ARG B 16 9.69 -6.13 -2.92
C ARG B 16 8.79 -5.09 -2.22
N VAL B 17 8.00 -5.53 -1.25
CA VAL B 17 7.13 -4.66 -0.47
C VAL B 17 7.62 -4.72 1.00
N ARG B 18 8.20 -3.61 1.54
CA ARG B 18 8.64 -3.56 2.94
C ARG B 18 7.49 -2.96 3.76
N LEU B 19 7.03 -3.67 4.80
CA LEU B 19 5.90 -3.28 5.65
C LEU B 19 6.31 -3.00 7.06
N ARG B 20 6.08 -1.78 7.57
CA ARG B 20 6.36 -1.48 8.97
C ARG B 20 5.08 -1.22 9.79
N ASN B 21 4.91 -1.89 10.95
CA ASN B 21 3.75 -1.65 11.80
C ASN B 21 4.14 -0.76 12.99
N ASP B 22 3.74 0.51 12.94
CA ASP B 22 4.00 1.44 14.03
C ASP B 22 2.76 1.67 14.89
N SER B 23 1.91 0.65 15.04
CA SER B 23 0.73 0.75 15.89
C SER B 23 0.89 -0.19 17.12
N SER B 24 -0.04 -0.15 18.06
CA SER B 24 0.04 -1.00 19.25
C SER B 24 -0.64 -2.36 19.11
N THR B 25 -1.15 -2.70 17.92
CA THR B 25 -1.85 -3.97 17.64
C THR B 25 -1.31 -4.58 16.33
N PRO B 26 -1.33 -5.93 16.20
CA PRO B 26 -0.89 -6.53 14.94
C PRO B 26 -1.78 -6.14 13.78
N VAL B 27 -1.20 -6.02 12.58
CA VAL B 27 -1.95 -5.72 11.38
C VAL B 27 -1.76 -6.86 10.36
N GLU B 28 -2.75 -7.06 9.50
CA GLU B 28 -2.70 -8.08 8.48
C GLU B 28 -2.64 -7.39 7.12
N VAL B 29 -1.66 -7.76 6.31
CA VAL B 29 -1.51 -7.16 5.00
C VAL B 29 -1.71 -8.16 3.91
N HIS B 30 -2.67 -7.89 3.01
CA HIS B 30 -2.93 -8.72 1.85
C HIS B 30 -2.45 -7.98 0.63
N ILE B 31 -1.63 -8.64 -0.20
CA ILE B 31 -1.14 -8.01 -1.42
C ILE B 31 -1.50 -8.89 -2.62
N LYS B 32 -2.18 -8.33 -3.60
CA LYS B 32 -2.52 -9.07 -4.81
C LYS B 32 -1.78 -8.50 -6.01
N VAL B 33 -1.08 -9.34 -6.76
CA VAL B 33 -0.38 -8.92 -7.98
C VAL B 33 -0.69 -9.96 -9.04
N GLY B 34 -1.62 -9.63 -9.91
CA GLY B 34 -2.05 -10.54 -10.96
C GLY B 34 -2.71 -11.77 -10.35
N ASP B 35 -2.21 -12.95 -10.68
CA ASP B 35 -2.72 -14.21 -10.17
C ASP B 35 -2.05 -14.67 -8.84
N GLU B 36 -1.39 -13.78 -8.13
CA GLU B 36 -0.69 -14.14 -6.91
C GLU B 36 -1.13 -13.27 -5.76
N LYS B 37 -1.55 -13.90 -4.65
CA LYS B 37 -1.93 -13.22 -3.43
C LYS B 37 -0.96 -13.62 -2.32
N ARG B 38 -0.45 -12.66 -1.55
CA ARG B 38 0.43 -12.94 -0.41
C ARG B 38 -0.15 -12.21 0.83
N THR B 39 -0.22 -12.94 1.99
CA THR B 39 -0.77 -12.37 3.22
C THR B 39 0.22 -12.57 4.34
N VAL B 40 0.50 -11.50 5.10
CA VAL B 40 1.37 -11.61 6.27
C VAL B 40 0.77 -10.82 7.43
N THR B 41 1.15 -11.19 8.65
CA THR B 41 0.79 -10.47 9.85
C THR B 41 2.06 -9.71 10.25
N VAL B 42 1.93 -8.42 10.54
CA VAL B 42 3.04 -7.58 10.98
C VAL B 42 2.73 -7.16 12.41
N ASN B 43 3.58 -7.57 13.34
CA ASN B 43 3.41 -7.25 14.75
C ASN B 43 3.90 -5.83 15.07
N PRO B 44 3.37 -5.24 16.17
CA PRO B 44 3.83 -3.90 16.58
C PRO B 44 5.36 -3.75 16.67
N GLY B 45 5.89 -2.81 15.90
CA GLY B 45 7.30 -2.46 15.90
C GLY B 45 8.17 -3.30 14.99
N GLU B 46 7.54 -4.07 14.10
CA GLU B 46 8.26 -4.94 13.20
C GLU B 46 8.14 -4.50 11.74
N GLU B 47 9.08 -4.99 10.94
CA GLU B 47 9.18 -4.79 9.51
C GLU B 47 9.19 -6.18 8.86
N VAL B 48 8.40 -6.34 7.81
CA VAL B 48 8.30 -7.57 7.06
C VAL B 48 8.48 -7.27 5.57
N GLU B 49 9.31 -8.05 4.91
CA GLU B 49 9.52 -7.92 3.48
C GLU B 49 8.71 -8.99 2.77
N VAL B 50 7.94 -8.63 1.75
CA VAL B 50 7.24 -9.60 0.93
C VAL B 50 7.71 -9.42 -0.50
N THR B 51 8.24 -10.48 -1.12
CA THR B 51 8.80 -10.39 -2.45
C THR B 51 8.01 -11.19 -3.49
N PHE B 52 7.73 -10.57 -4.63
CA PHE B 52 7.04 -11.23 -5.72
C PHE B 52 7.94 -11.39 -6.91
N SER B 53 7.90 -12.54 -7.57
CA SER B 53 8.65 -12.75 -8.80
C SER B 53 7.68 -12.84 -9.99
N ALA B 54 8.18 -12.61 -11.20
CA ALA B 54 7.33 -12.62 -12.40
C ALA B 54 8.15 -12.94 -13.61
N ASN B 55 7.57 -13.66 -14.56
CA ASN B 55 8.26 -13.95 -15.81
C ASN B 55 8.27 -12.76 -16.80
N ASP B 56 7.58 -11.66 -16.47
CA ASP B 56 7.45 -10.47 -17.30
C ASP B 56 7.15 -9.28 -16.36
N PRO B 57 7.80 -8.12 -16.60
CA PRO B 57 7.58 -6.96 -15.72
C PRO B 57 6.17 -6.36 -15.71
N HIS B 58 5.40 -6.49 -16.82
CA HIS B 58 4.03 -5.97 -16.89
C HIS B 58 3.07 -6.58 -15.83
N LYS B 59 3.47 -7.66 -15.14
CA LYS B 59 2.65 -8.28 -14.09
C LYS B 59 2.46 -7.35 -12.88
N PHE B 60 3.42 -6.44 -12.65
CA PHE B 60 3.39 -5.50 -11.54
C PHE B 60 2.75 -4.15 -11.89
N ASN B 61 1.89 -4.11 -12.90
CA ASN B 61 1.24 -2.85 -13.29
C ASN B 61 0.02 -2.46 -12.44
N ARG B 62 -0.53 -3.40 -11.66
CA ARG B 62 -1.71 -3.09 -10.87
C ARG B 62 -1.70 -3.69 -9.45
N PRO B 63 -0.64 -3.44 -8.64
CA PRO B 63 -0.62 -4.01 -7.29
C PRO B 63 -1.72 -3.45 -6.40
N GLN B 64 -2.26 -4.31 -5.55
CA GLN B 64 -3.33 -3.98 -4.62
C GLN B 64 -2.93 -4.39 -3.23
N PHE B 65 -3.18 -3.55 -2.24
CA PHE B 65 -2.84 -3.81 -0.85
C PHE B 65 -4.05 -3.58 0.03
N THR B 66 -4.19 -4.41 1.04
CA THR B 66 -5.24 -4.24 2.01
C THR B 66 -4.59 -4.36 3.39
N ILE B 67 -4.84 -3.36 4.25
CA ILE B 67 -4.32 -3.37 5.61
C ILE B 67 -5.49 -3.55 6.55
N GLU B 68 -5.44 -4.55 7.42
CA GLU B 68 -6.53 -4.81 8.36
C GLU B 68 -6.02 -4.80 9.78
N TRP B 69 -6.81 -4.27 10.70
CA TRP B 69 -6.46 -4.25 12.11
C TRP B 69 -7.72 -4.47 12.94
N GLY B 70 -7.55 -4.93 14.17
CA GLY B 70 -8.67 -5.15 15.07
C GLY B 70 -9.58 -6.31 14.72
N GLY B 71 -8.99 -7.44 14.33
CA GLY B 71 -9.77 -8.62 14.00
C GLY B 71 -9.69 -9.74 15.01
N GLN B 72 -9.62 -11.00 14.51
CA GLN B 72 -9.51 -12.17 15.38
C GLN B 72 -8.20 -12.95 15.11
N ARG B 73 -7.14 -12.21 14.69
CA ARG B 73 -5.79 -12.70 14.40
C ARG B 73 -5.71 -13.70 13.24
N GLN B 74 -6.82 -13.91 12.50
CA GLN B 74 -6.83 -14.85 11.37
C GLN B 74 -7.07 -14.14 10.05
N HIS B 75 -8.14 -13.34 9.94
CA HIS B 75 -8.44 -12.59 8.74
C HIS B 75 -8.73 -11.11 9.04
N PHE B 76 -8.00 -10.54 10.01
CA PHE B 76 -8.13 -9.13 10.42
C PHE B 76 -7.08 -8.88 11.52
#